data_7P8B
#
_entry.id   7P8B
#
_cell.length_a   40.070
_cell.length_b   103.310
_cell.length_c   42.280
_cell.angle_alpha   90.000
_cell.angle_beta   105.787
_cell.angle_gamma   90.000
#
_symmetry.space_group_name_H-M   'P 1 21 1'
#
loop_
_entity.id
_entity.type
_entity.pdbx_description
1 polymer 'YTH domain-containing protein 1'
2 non-polymer 9-cyclopropyl-~{N}-methyl-purin-6-amine
3 non-polymer 'SULFATE ION'
4 water water
#
_entity_poly.entity_id   1
_entity_poly.type   'polypeptide(L)'
_entity_poly.pdbx_seq_one_letter_code
;MHHHHHHSSGRENLYFQGTSKLKYVLQDARFFLIKSNNHENVSLAKAKGVWSTLPVNEKKLNLAFRSARSVILIFSVRES
GKFQGFARLSSESHHGGSPIHWVLPAGMSAKMLGGVFKIDWICRRELPFTKSAHLTNPWNEHKPVKIGRDGQEIELECGT
QLCLLFPPDESIDLYQVIHKMRH
;
_entity_poly.pdbx_strand_id   A,B
#
loop_
_chem_comp.id
_chem_comp.type
_chem_comp.name
_chem_comp.formula
OYT non-polymer 9-cyclopropyl-~{N}-methyl-purin-6-amine 'C9 H11 N5'
SO4 non-polymer 'SULFATE ION' 'O4 S -2'
#
# COMPACT_ATOMS: atom_id res chain seq x y z
N GLY A 18 2.21 -3.17 6.39
CA GLY A 18 3.64 -3.12 6.08
C GLY A 18 4.03 -1.84 5.37
N THR A 19 5.30 -1.76 4.98
CA THR A 19 5.85 -0.56 4.37
C THR A 19 6.41 -0.80 2.98
N SER A 20 6.26 -2.01 2.43
CA SER A 20 6.92 -2.34 1.16
C SER A 20 6.30 -1.60 -0.01
N LYS A 21 4.98 -1.56 -0.10
CA LYS A 21 4.38 -0.81 -1.20
C LYS A 21 4.67 0.67 -1.06
N LEU A 22 4.65 1.20 0.15
CA LEU A 22 4.99 2.61 0.35
C LEU A 22 6.39 2.90 -0.14
N LYS A 23 7.36 2.06 0.22
CA LYS A 23 8.73 2.28 -0.24
CA LYS A 23 8.73 2.28 -0.24
C LYS A 23 8.82 2.19 -1.76
N TYR A 24 8.04 1.31 -2.37
CA TYR A 24 8.02 1.21 -3.83
C TYR A 24 7.50 2.50 -4.46
N VAL A 25 6.43 3.06 -3.90
CA VAL A 25 5.89 4.32 -4.42
C VAL A 25 6.92 5.43 -4.30
N LEU A 26 7.69 5.45 -3.21
CA LEU A 26 8.64 6.51 -2.95
C LEU A 26 9.98 6.34 -3.66
N GLN A 27 10.19 5.19 -4.31
CA GLN A 27 11.48 4.91 -4.94
C GLN A 27 11.75 5.93 -6.04
N ASP A 28 12.87 6.64 -5.90
CA ASP A 28 13.30 7.62 -6.89
C ASP A 28 12.30 8.76 -7.06
N ALA A 29 11.50 9.01 -6.04
CA ALA A 29 10.50 10.06 -6.10
C ALA A 29 11.16 11.42 -5.93
N ARG A 30 10.43 12.47 -6.28
CA ARG A 30 10.74 13.81 -5.83
C ARG A 30 9.71 14.25 -4.79
N PHE A 31 10.11 15.18 -3.94
CA PHE A 31 9.33 15.59 -2.78
C PHE A 31 9.28 17.10 -2.71
N PHE A 32 8.12 17.66 -2.42
CA PHE A 32 7.95 19.10 -2.29
C PHE A 32 7.15 19.40 -1.03
N LEU A 33 7.62 20.37 -0.27
CA LEU A 33 6.90 20.86 0.90
C LEU A 33 5.79 21.79 0.42
N ILE A 34 4.57 21.56 0.90
CA ILE A 34 3.43 22.43 0.63
C ILE A 34 3.05 23.09 1.93
N LYS A 35 3.00 24.42 1.95
CA LYS A 35 2.63 25.17 3.15
C LYS A 35 1.29 25.85 2.91
N SER A 36 0.29 25.49 3.70
CA SER A 36 -1.03 26.11 3.61
C SER A 36 -1.20 27.11 4.74
N ASN A 37 -1.75 28.28 4.41
CA ASN A 37 -2.00 29.28 5.42
C ASN A 37 -3.19 28.93 6.31
N ASN A 38 -3.98 27.93 5.94
CA ASN A 38 -5.16 27.59 6.73
C ASN A 38 -5.44 26.10 6.66
N HIS A 39 -6.13 25.60 7.70
CA HIS A 39 -6.53 24.19 7.73
C HIS A 39 -7.63 23.89 6.74
N GLU A 40 -8.50 24.87 6.48
CA GLU A 40 -9.65 24.65 5.62
C GLU A 40 -9.22 24.07 4.27
N ASN A 41 -8.16 24.63 3.68
CA ASN A 41 -7.79 24.20 2.33
C ASN A 41 -7.19 22.79 2.34
N VAL A 42 -6.47 22.41 3.40
CA VAL A 42 -5.96 21.03 3.45
C VAL A 42 -7.11 20.05 3.65
N SER A 43 -8.12 20.42 4.45
CA SER A 43 -9.28 19.58 4.60
C SER A 43 -9.98 19.38 3.26
N LEU A 44 -10.16 20.47 2.50
CA LEU A 44 -10.75 20.36 1.18
C LEU A 44 -9.92 19.46 0.28
N ALA A 45 -8.60 19.60 0.33
CA ALA A 45 -7.73 18.76 -0.50
C ALA A 45 -7.86 17.30 -0.13
N LYS A 46 -7.99 17.00 1.17
CA LYS A 46 -8.17 15.59 1.57
C LYS A 46 -9.51 15.05 1.11
N ALA A 47 -10.54 15.89 1.08
CA ALA A 47 -11.87 15.43 0.69
C ALA A 47 -11.98 15.23 -0.82
N LYS A 48 -11.37 16.13 -1.60
CA LYS A 48 -11.62 16.19 -3.03
C LYS A 48 -10.44 15.72 -3.87
N GLY A 49 -9.28 15.48 -3.26
CA GLY A 49 -8.15 14.95 -4.01
C GLY A 49 -7.56 15.95 -4.98
N VAL A 50 -7.47 17.21 -4.57
CA VAL A 50 -6.97 18.27 -5.43
C VAL A 50 -6.09 19.21 -4.63
N TRP A 51 -5.15 19.85 -5.31
CA TRP A 51 -4.38 20.94 -4.72
C TRP A 51 -4.17 22.04 -5.75
N SER A 52 -4.10 23.27 -5.27
CA SER A 52 -3.73 24.42 -6.08
C SER A 52 -2.65 25.19 -5.35
N THR A 53 -1.72 25.76 -6.12
CA THR A 53 -0.63 26.56 -5.56
C THR A 53 -0.44 27.81 -6.42
N LEU A 54 0.47 28.67 -5.99
CA LEU A 54 0.76 29.88 -6.74
C LEU A 54 1.46 29.53 -8.07
N PRO A 55 1.39 30.43 -9.06
CA PRO A 55 1.96 30.11 -10.38
C PRO A 55 3.43 29.69 -10.38
N VAL A 56 4.27 30.29 -9.53
CA VAL A 56 5.67 29.88 -9.49
C VAL A 56 5.80 28.40 -9.15
N ASN A 57 5.08 27.95 -8.12
CA ASN A 57 5.15 26.54 -7.75
C ASN A 57 4.40 25.65 -8.72
N GLU A 58 3.33 26.16 -9.32
CA GLU A 58 2.60 25.37 -10.31
C GLU A 58 3.52 24.96 -11.47
N LYS A 59 4.34 25.88 -11.97
CA LYS A 59 5.27 25.54 -13.05
C LYS A 59 6.30 24.52 -12.60
N LYS A 60 6.79 24.65 -11.37
CA LYS A 60 7.78 23.68 -10.86
CA LYS A 60 7.76 23.73 -10.84
C LYS A 60 7.18 22.30 -10.73
N LEU A 61 5.94 22.18 -10.23
CA LEU A 61 5.35 20.85 -10.06
C LEU A 61 5.05 20.20 -11.41
N ASN A 62 4.63 20.99 -12.40
CA ASN A 62 4.40 20.44 -13.74
C ASN A 62 5.69 19.87 -14.33
N LEU A 63 6.80 20.60 -14.19
CA LEU A 63 8.10 20.09 -14.63
C LEU A 63 8.45 18.79 -13.90
N ALA A 64 8.24 18.76 -12.60
CA ALA A 64 8.63 17.59 -11.82
C ALA A 64 7.79 16.38 -12.18
N PHE A 65 6.48 16.59 -12.43
CA PHE A 65 5.59 15.48 -12.75
C PHE A 65 6.10 14.69 -13.95
N ARG A 66 6.65 15.38 -14.95
CA ARG A 66 7.18 14.72 -16.14
C ARG A 66 8.54 14.06 -15.90
N SER A 67 9.25 14.47 -14.85
CA SER A 67 10.65 14.11 -14.65
C SER A 67 10.84 12.87 -13.79
N ALA A 68 9.84 12.49 -13.01
CA ALA A 68 10.02 11.47 -12.00
C ALA A 68 8.80 10.57 -12.00
N ARG A 69 9.02 9.36 -11.58
CA ARG A 69 7.93 8.41 -11.52
C ARG A 69 6.92 8.72 -10.42
N SER A 70 7.32 9.41 -9.36
CA SER A 70 6.41 9.89 -8.33
C SER A 70 6.85 11.27 -7.87
N VAL A 71 5.87 12.17 -7.76
CA VAL A 71 6.07 13.47 -7.14
C VAL A 71 5.18 13.54 -5.92
N ILE A 72 5.79 13.74 -4.76
CA ILE A 72 5.11 13.66 -3.48
C ILE A 72 5.02 15.06 -2.91
N LEU A 73 3.80 15.46 -2.50
CA LEU A 73 3.54 16.70 -1.79
C LEU A 73 3.39 16.37 -0.31
N ILE A 74 4.16 17.05 0.53
CA ILE A 74 4.10 16.86 1.97
C ILE A 74 3.52 18.14 2.56
N PHE A 75 2.34 18.04 3.18
CA PHE A 75 1.57 19.22 3.56
C PHE A 75 1.83 19.64 5.00
N SER A 76 1.90 20.96 5.23
CA SER A 76 1.96 21.49 6.58
C SER A 76 1.19 22.80 6.63
N VAL A 77 0.27 22.89 7.58
CA VAL A 77 -0.53 24.10 7.80
C VAL A 77 0.26 25.06 8.68
N ARG A 78 0.33 26.32 8.25
CA ARG A 78 1.08 27.33 8.98
C ARG A 78 0.58 27.45 10.41
N GLU A 79 1.53 27.52 11.35
CA GLU A 79 1.32 27.65 12.79
C GLU A 79 0.79 26.39 13.45
N SER A 80 0.65 25.29 12.71
CA SER A 80 0.14 24.06 13.32
C SER A 80 1.23 23.28 14.04
N GLY A 81 2.49 23.51 13.72
CA GLY A 81 3.56 22.69 14.28
C GLY A 81 3.56 21.26 13.80
N LYS A 82 2.85 20.94 12.72
CA LYS A 82 2.74 19.59 12.23
C LYS A 82 2.70 19.57 10.71
N PHE A 83 2.97 18.39 10.17
CA PHE A 83 2.57 18.02 8.82
C PHE A 83 1.23 17.30 8.92
N GLN A 84 0.38 17.48 7.91
CA GLN A 84 -0.96 16.90 7.92
C GLN A 84 -1.09 15.68 7.00
N GLY A 85 -0.03 15.29 6.31
CA GLY A 85 -0.08 14.11 5.48
C GLY A 85 0.71 14.30 4.21
N PHE A 86 0.67 13.33 3.32
CA PHE A 86 1.36 13.47 2.05
C PHE A 86 0.60 12.70 0.96
N ALA A 87 0.81 13.13 -0.28
CA ALA A 87 0.02 12.69 -1.41
C ALA A 87 0.91 12.70 -2.64
N ARG A 88 0.52 11.93 -3.66
CA ARG A 88 1.26 11.83 -4.91
C ARG A 88 0.49 12.54 -6.01
N LEU A 89 1.18 13.37 -6.79
CA LEU A 89 0.56 13.96 -7.99
C LEU A 89 0.11 12.86 -8.94
N SER A 90 -1.14 12.92 -9.38
CA SER A 90 -1.60 12.04 -10.44
C SER A 90 -1.75 12.75 -11.78
N SER A 91 -1.53 14.06 -11.84
CA SER A 91 -1.69 14.82 -13.07
C SER A 91 -0.92 16.13 -12.94
N GLU A 92 -0.60 16.71 -14.10
CA GLU A 92 -0.21 18.10 -14.18
C GLU A 92 -1.42 18.99 -13.87
N SER A 93 -1.18 20.28 -13.69
CA SER A 93 -2.28 21.20 -13.40
C SER A 93 -3.19 21.36 -14.62
N HIS A 94 -4.48 21.54 -14.34
CA HIS A 94 -5.47 21.78 -15.38
C HIS A 94 -6.44 22.85 -14.89
N HIS A 95 -6.91 23.66 -15.84
CA HIS A 95 -7.89 24.70 -15.55
C HIS A 95 -9.22 24.35 -16.19
N GLY A 96 -10.30 24.85 -15.62
CA GLY A 96 -11.60 24.75 -16.26
C GLY A 96 -12.57 23.74 -15.68
N GLY A 97 -12.43 23.44 -14.39
CA GLY A 97 -13.40 22.65 -13.67
C GLY A 97 -14.29 23.52 -12.80
N SER A 98 -15.11 22.86 -11.98
CA SER A 98 -15.91 23.59 -11.00
C SER A 98 -14.97 24.32 -10.05
N PRO A 99 -15.14 25.62 -9.84
CA PRO A 99 -14.16 26.38 -9.05
C PRO A 99 -14.13 25.90 -7.61
N ILE A 100 -12.94 25.45 -7.18
CA ILE A 100 -12.77 24.98 -5.81
C ILE A 100 -12.84 26.17 -4.87
N HIS A 101 -13.63 26.02 -3.80
CA HIS A 101 -13.87 27.12 -2.86
C HIS A 101 -12.75 27.23 -1.83
N TRP A 102 -11.55 27.51 -2.31
CA TRP A 102 -10.41 27.73 -1.42
C TRP A 102 -10.65 28.96 -0.55
N VAL A 103 -10.27 28.86 0.71
CA VAL A 103 -10.21 30.02 1.59
C VAL A 103 -8.96 30.80 1.24
N LEU A 104 -9.13 32.06 0.85
CA LEU A 104 -8.06 32.79 0.18
C LEU A 104 -7.24 33.57 1.20
N PRO A 105 -5.92 33.35 1.26
CA PRO A 105 -5.09 34.23 2.07
C PRO A 105 -5.19 35.68 1.59
N ALA A 106 -4.98 36.60 2.52
CA ALA A 106 -5.00 38.02 2.17
C ALA A 106 -3.90 38.33 1.16
N GLY A 107 -4.30 38.92 0.04
CA GLY A 107 -3.37 39.19 -1.04
C GLY A 107 -3.25 38.12 -2.08
N MET A 108 -4.02 37.03 -1.96
CA MET A 108 -4.01 35.94 -2.93
C MET A 108 -5.37 35.87 -3.61
N SER A 109 -5.36 35.92 -4.94
CA SER A 109 -6.58 35.91 -5.73
C SER A 109 -6.96 34.49 -6.10
N ALA A 110 -8.22 34.32 -6.49
CA ALA A 110 -8.67 33.02 -6.99
C ALA A 110 -8.00 32.65 -8.29
N LYS A 111 -7.67 33.64 -9.12
CA LYS A 111 -6.97 33.36 -10.36
C LYS A 111 -5.57 32.80 -10.09
N MET A 112 -4.95 33.23 -8.99
CA MET A 112 -3.62 32.73 -8.65
C MET A 112 -3.64 31.23 -8.36
N LEU A 113 -4.75 30.72 -7.83
CA LEU A 113 -4.91 29.30 -7.55
C LEU A 113 -5.67 28.58 -8.66
N GLY A 114 -5.68 29.13 -9.87
CA GLY A 114 -6.50 28.58 -10.93
C GLY A 114 -6.10 27.19 -11.37
N GLY A 115 -4.81 26.88 -11.34
CA GLY A 115 -4.37 25.56 -11.76
C GLY A 115 -4.66 24.55 -10.67
N VAL A 116 -5.30 23.44 -11.06
CA VAL A 116 -5.73 22.41 -10.12
C VAL A 116 -5.00 21.11 -10.45
N PHE A 117 -4.25 20.59 -9.49
CA PHE A 117 -3.62 19.29 -9.63
C PHE A 117 -4.50 18.24 -8.96
N LYS A 118 -4.61 17.09 -9.61
CA LYS A 118 -5.22 15.93 -8.97
C LYS A 118 -4.14 15.21 -8.18
N ILE A 119 -4.50 14.73 -7.00
CA ILE A 119 -3.57 14.06 -6.08
C ILE A 119 -4.22 12.81 -5.49
N ASP A 120 -3.40 11.81 -5.22
CA ASP A 120 -3.83 10.60 -4.50
C ASP A 120 -3.14 10.61 -3.15
N TRP A 121 -3.94 10.66 -2.10
CA TRP A 121 -3.38 10.67 -0.77
C TRP A 121 -2.69 9.35 -0.45
N ILE A 122 -1.54 9.44 0.21
CA ILE A 122 -0.81 8.27 0.68
C ILE A 122 -0.97 8.15 2.18
N CYS A 123 -1.02 9.27 2.88
CA CYS A 123 -1.20 9.26 4.32
C CYS A 123 -1.93 10.54 4.69
N ARG A 124 -3.09 10.44 5.35
CA ARG A 124 -3.87 11.57 5.80
CA ARG A 124 -3.80 11.63 5.79
C ARG A 124 -3.66 11.87 7.28
N ARG A 125 -2.73 11.20 7.92
CA ARG A 125 -2.46 11.36 9.33
C ARG A 125 -1.37 12.40 9.55
N GLU A 126 -1.39 13.00 10.74
CA GLU A 126 -0.48 14.08 11.12
CA GLU A 126 -0.45 14.07 11.02
C GLU A 126 0.85 13.53 11.60
N LEU A 127 1.89 14.36 11.48
CA LEU A 127 3.19 14.11 12.10
C LEU A 127 3.66 15.41 12.73
N PRO A 128 3.83 15.47 14.04
CA PRO A 128 4.34 16.70 14.66
C PRO A 128 5.79 16.96 14.26
N PHE A 129 6.12 18.24 14.13
CA PHE A 129 7.48 18.65 13.81
C PHE A 129 8.50 18.11 14.82
N THR A 130 8.09 17.90 16.07
CA THR A 130 9.02 17.35 17.07
C THR A 130 9.57 15.99 16.64
N LYS A 131 8.84 15.23 15.81
CA LYS A 131 9.30 13.92 15.38
C LYS A 131 10.26 13.97 14.20
N SER A 132 10.39 15.12 13.53
CA SER A 132 11.26 15.19 12.35
C SER A 132 12.50 16.03 12.62
N ALA A 133 12.80 16.31 13.90
CA ALA A 133 13.88 17.22 14.25
C ALA A 133 15.25 16.67 13.88
N HIS A 134 15.37 15.38 13.60
CA HIS A 134 16.65 14.80 13.19
C HIS A 134 16.83 14.81 11.67
N LEU A 135 15.89 15.36 10.90
CA LEU A 135 15.97 15.37 9.45
C LEU A 135 16.19 16.79 8.94
N THR A 136 17.27 16.97 8.18
CA THR A 136 17.57 18.25 7.55
C THR A 136 17.53 18.10 6.03
N ASN A 137 17.24 19.21 5.36
CA ASN A 137 17.05 19.22 3.91
C ASN A 137 18.24 19.90 3.26
N PRO A 138 19.07 19.15 2.52
CA PRO A 138 20.22 19.78 1.84
C PRO A 138 19.82 20.85 0.84
N TRP A 139 18.61 20.79 0.29
CA TRP A 139 18.20 21.82 -0.65
C TRP A 139 17.72 23.09 0.02
N ASN A 140 17.70 23.13 1.34
CA ASN A 140 17.41 24.33 2.11
C ASN A 140 18.45 24.52 3.20
N GLU A 141 19.73 24.49 2.81
CA GLU A 141 20.84 24.88 3.69
C GLU A 141 20.96 23.99 4.92
N HIS A 142 20.50 22.74 4.80
CA HIS A 142 20.53 21.78 5.89
C HIS A 142 19.71 22.24 7.09
N LYS A 143 18.75 23.12 6.86
CA LYS A 143 17.80 23.45 7.91
C LYS A 143 16.86 22.26 8.17
N PRO A 144 16.33 22.14 9.39
CA PRO A 144 15.35 21.09 9.66
C PRO A 144 14.24 21.11 8.62
N VAL A 145 13.79 19.91 8.23
CA VAL A 145 12.89 19.76 7.09
C VAL A 145 11.56 20.48 7.29
N LYS A 146 11.16 20.71 8.55
CA LYS A 146 9.97 21.50 8.84
C LYS A 146 10.10 22.93 8.32
N ILE A 147 11.32 23.42 8.12
CA ILE A 147 11.56 24.80 7.70
C ILE A 147 11.58 24.87 6.19
N GLY A 148 10.77 25.75 5.63
CA GLY A 148 10.81 25.97 4.21
C GLY A 148 9.59 26.69 3.74
N ARG A 149 9.72 27.40 2.62
CA ARG A 149 8.59 28.07 2.02
C ARG A 149 7.76 27.07 1.22
N ASP A 150 6.52 27.45 0.97
CA ASP A 150 5.66 26.68 0.09
C ASP A 150 6.38 26.39 -1.22
N GLY A 151 6.44 25.12 -1.61
CA GLY A 151 7.09 24.69 -2.84
C GLY A 151 8.54 24.25 -2.69
N GLN A 152 9.13 24.37 -1.51
CA GLN A 152 10.52 23.97 -1.33
C GLN A 152 10.71 22.49 -1.65
N GLU A 153 11.64 22.17 -2.56
CA GLU A 153 11.93 20.77 -2.83
C GLU A 153 12.72 20.17 -1.68
N ILE A 154 12.42 18.91 -1.35
CA ILE A 154 13.09 18.15 -0.32
C ILE A 154 13.87 17.05 -1.00
N GLU A 155 15.17 16.99 -0.71
CA GLU A 155 16.04 16.02 -1.35
C GLU A 155 15.56 14.58 -1.03
N LEU A 156 15.85 13.65 -1.95
CA LEU A 156 15.32 12.28 -1.94
C LEU A 156 15.45 11.60 -0.60
N GLU A 157 16.65 11.57 -0.02
CA GLU A 157 16.84 10.79 1.20
C GLU A 157 16.05 11.39 2.36
N CYS A 158 16.14 12.70 2.54
CA CYS A 158 15.39 13.37 3.60
C CYS A 158 13.88 13.17 3.40
N GLY A 159 13.40 13.34 2.16
CA GLY A 159 11.98 13.21 1.92
C GLY A 159 11.47 11.80 2.16
N THR A 160 12.26 10.80 1.76
CA THR A 160 11.90 9.41 1.99
C THR A 160 11.79 9.13 3.48
N GLN A 161 12.79 9.56 4.24
CA GLN A 161 12.79 9.31 5.68
C GLN A 161 11.64 10.07 6.36
N LEU A 162 11.36 11.29 5.91
CA LEU A 162 10.22 12.03 6.46
C LEU A 162 8.92 11.27 6.23
N CYS A 163 8.67 10.82 4.99
CA CYS A 163 7.44 10.10 4.71
C CYS A 163 7.32 8.83 5.54
N LEU A 164 8.45 8.15 5.77
CA LEU A 164 8.42 6.91 6.54
C LEU A 164 8.18 7.14 8.02
N LEU A 165 8.33 8.38 8.51
CA LEU A 165 8.03 8.69 9.90
C LEU A 165 6.54 8.78 10.19
N PHE A 166 5.72 9.08 9.18
CA PHE A 166 4.30 9.25 9.43
C PHE A 166 3.71 7.94 9.95
N PRO A 167 2.70 8.04 10.82
CA PRO A 167 1.99 6.82 11.22
C PRO A 167 1.36 6.18 10.00
N PRO A 168 1.28 4.85 9.95
CA PRO A 168 0.60 4.21 8.82
C PRO A 168 -0.85 4.66 8.74
N ASP A 169 -1.34 4.84 7.52
CA ASP A 169 -2.74 5.17 7.27
C ASP A 169 -3.40 3.90 6.73
N GLU A 170 -4.04 3.14 7.63
CA GLU A 170 -4.58 1.86 7.22
CA GLU A 170 -4.65 1.85 7.32
C GLU A 170 -5.84 1.98 6.37
N SER A 171 -6.35 3.17 6.15
CA SER A 171 -7.50 3.36 5.27
C SER A 171 -7.13 3.43 3.81
N ILE A 172 -5.84 3.50 3.48
CA ILE A 172 -5.39 3.69 2.10
CA ILE A 172 -5.35 3.70 2.11
C ILE A 172 -4.79 2.39 1.58
N ASP A 173 -5.12 2.06 0.33
CA ASP A 173 -4.58 0.91 -0.37
C ASP A 173 -3.73 1.44 -1.53
N LEU A 174 -2.41 1.23 -1.47
CA LEU A 174 -1.52 1.80 -2.49
C LEU A 174 -1.51 1.03 -3.80
N TYR A 175 -2.31 -0.03 -3.90
CA TYR A 175 -2.35 -0.81 -5.13
C TYR A 175 -2.79 0.06 -6.31
N GLN A 176 -3.86 0.84 -6.15
CA GLN A 176 -4.31 1.71 -7.24
C GLN A 176 -3.33 2.85 -7.48
N VAL A 177 -2.69 3.35 -6.43
CA VAL A 177 -1.62 4.34 -6.58
C VAL A 177 -0.49 3.76 -7.41
N ILE A 178 -0.08 2.53 -7.09
CA ILE A 178 0.97 1.86 -7.86
C ILE A 178 0.53 1.67 -9.31
N HIS A 179 -0.76 1.42 -9.53
CA HIS A 179 -1.24 1.19 -10.89
C HIS A 179 -1.34 2.46 -11.72
N LYS A 180 -1.02 3.63 -11.17
CA LYS A 180 -0.95 4.87 -11.94
C LYS A 180 0.45 5.21 -12.41
N MET A 181 1.48 4.62 -11.80
CA MET A 181 2.85 4.90 -12.16
C MET A 181 3.27 4.18 -13.44
N GLY B 18 -3.22 -28.88 -18.04
CA GLY B 18 -2.88 -27.66 -18.74
C GLY B 18 -3.08 -26.45 -17.88
N THR B 19 -2.56 -25.30 -18.31
CA THR B 19 -2.54 -24.10 -17.48
C THR B 19 -3.66 -23.13 -17.78
N SER B 20 -4.54 -23.41 -18.77
CA SER B 20 -5.54 -22.43 -19.15
C SER B 20 -6.45 -22.06 -17.97
N LYS B 21 -6.92 -23.06 -17.22
CA LYS B 21 -7.84 -22.77 -16.13
C LYS B 21 -7.17 -21.90 -15.07
N LEU B 22 -5.97 -22.30 -14.66
CA LEU B 22 -5.30 -21.56 -13.60
C LEU B 22 -4.96 -20.15 -14.05
N LYS B 23 -4.49 -20.00 -15.29
CA LYS B 23 -4.18 -18.66 -15.77
C LYS B 23 -5.42 -17.77 -15.80
N TYR B 24 -6.57 -18.35 -16.16
CA TYR B 24 -7.82 -17.61 -16.11
C TYR B 24 -8.14 -17.15 -14.69
N VAL B 25 -7.99 -18.04 -13.71
CA VAL B 25 -8.24 -17.67 -12.31
C VAL B 25 -7.30 -16.55 -11.86
N LEU B 26 -6.06 -16.57 -12.34
CA LEU B 26 -5.04 -15.63 -11.88
C LEU B 26 -5.03 -14.32 -12.66
N GLN B 27 -5.87 -14.17 -13.68
CA GLN B 27 -5.92 -12.92 -14.41
C GLN B 27 -6.32 -11.79 -13.48
N ASP B 28 -5.50 -10.74 -13.44
CA ASP B 28 -5.77 -9.55 -12.63
C ASP B 28 -5.85 -9.83 -11.13
N ALA B 29 -5.23 -10.91 -10.67
CA ALA B 29 -5.29 -11.23 -9.25
C ALA B 29 -4.32 -10.37 -8.46
N ARG B 30 -4.57 -10.29 -7.15
CA ARG B 30 -3.59 -9.80 -6.19
C ARG B 30 -3.10 -10.97 -5.37
N PHE B 31 -1.84 -10.89 -4.92
CA PHE B 31 -1.15 -12.00 -4.28
C PHE B 31 -0.57 -11.52 -2.96
N PHE B 32 -0.73 -12.28 -1.90
CA PHE B 32 -0.15 -11.96 -0.60
C PHE B 32 0.53 -13.19 -0.06
N LEU B 33 1.75 -13.00 0.42
CA LEU B 33 2.44 -14.03 1.18
C LEU B 33 1.82 -14.15 2.56
N ILE B 34 1.62 -15.39 3.00
CA ILE B 34 1.17 -15.69 4.35
C ILE B 34 2.28 -16.47 5.02
N LYS B 35 2.78 -15.97 6.16
CA LYS B 35 3.91 -16.60 6.85
C LYS B 35 3.40 -17.09 8.20
N SER B 36 3.03 -18.36 8.27
CA SER B 36 2.52 -18.93 9.51
C SER B 36 3.66 -19.27 10.44
N ASN B 37 3.47 -18.99 11.73
CA ASN B 37 4.46 -19.36 12.73
CA ASN B 37 4.48 -19.36 12.71
C ASN B 37 4.52 -20.85 12.96
N ASN B 38 3.50 -21.61 12.56
CA ASN B 38 3.49 -23.03 12.84
C ASN B 38 2.85 -23.81 11.70
N HIS B 39 3.12 -25.12 11.69
CA HIS B 39 2.52 -26.02 10.70
C HIS B 39 1.07 -26.36 11.03
N GLU B 40 0.73 -26.43 12.32
CA GLU B 40 -0.60 -26.89 12.71
C GLU B 40 -1.70 -26.04 12.09
N ASN B 41 -1.52 -24.71 12.08
CA ASN B 41 -2.60 -23.86 11.58
C ASN B 41 -2.77 -23.99 10.08
N VAL B 42 -1.67 -24.28 9.37
CA VAL B 42 -1.79 -24.52 7.94
C VAL B 42 -2.51 -25.83 7.68
N SER B 43 -2.22 -26.88 8.47
CA SER B 43 -2.94 -28.14 8.30
C SER B 43 -4.42 -27.95 8.56
N LEU B 44 -4.76 -27.21 9.61
CA LEU B 44 -6.15 -26.89 9.90
C LEU B 44 -6.78 -26.17 8.72
N ALA B 45 -6.11 -25.13 8.22
CA ALA B 45 -6.66 -24.29 7.16
C ALA B 45 -6.84 -25.07 5.87
N LYS B 46 -5.90 -25.96 5.58
CA LYS B 46 -5.99 -26.76 4.36
C LYS B 46 -7.23 -27.62 4.35
N ALA B 47 -7.57 -28.22 5.50
CA ALA B 47 -8.72 -29.13 5.59
C ALA B 47 -10.04 -28.37 5.60
N LYS B 48 -10.11 -27.26 6.33
CA LYS B 48 -11.36 -26.57 6.61
C LYS B 48 -11.64 -25.42 5.66
N GLY B 49 -10.62 -24.92 4.98
CA GLY B 49 -10.83 -23.80 4.06
C GLY B 49 -11.07 -22.48 4.75
N VAL B 50 -10.27 -22.17 5.76
CA VAL B 50 -10.38 -20.92 6.49
C VAL B 50 -8.97 -20.41 6.76
N TRP B 51 -8.87 -19.09 6.93
CA TRP B 51 -7.64 -18.47 7.41
C TRP B 51 -7.98 -17.25 8.24
N SER B 52 -7.13 -16.98 9.23
CA SER B 52 -7.16 -15.74 10.00
C SER B 52 -5.76 -15.17 10.09
N THR B 53 -5.68 -13.85 10.19
CA THR B 53 -4.41 -13.14 10.28
C THR B 53 -4.57 -12.00 11.28
N LEU B 54 -3.47 -11.30 11.53
CA LEU B 54 -3.45 -10.17 12.46
C LEU B 54 -4.15 -8.95 11.85
N PRO B 55 -4.54 -7.97 12.68
CA PRO B 55 -5.48 -6.93 12.21
C PRO B 55 -4.98 -6.09 11.03
N VAL B 56 -3.69 -5.78 10.97
CA VAL B 56 -3.18 -4.97 9.86
C VAL B 56 -3.37 -5.71 8.54
N ASN B 57 -3.02 -7.01 8.53
CA ASN B 57 -3.22 -7.80 7.33
C ASN B 57 -4.68 -8.10 7.06
N GLU B 58 -5.50 -8.26 8.12
CA GLU B 58 -6.92 -8.49 7.90
C GLU B 58 -7.55 -7.34 7.13
N LYS B 59 -7.22 -6.10 7.51
CA LYS B 59 -7.72 -4.94 6.79
C LYS B 59 -7.24 -4.92 5.35
N LYS B 60 -5.95 -5.20 5.13
CA LYS B 60 -5.39 -5.24 3.79
C LYS B 60 -6.12 -6.24 2.92
N LEU B 61 -6.36 -7.45 3.45
CA LEU B 61 -7.00 -8.50 2.66
C LEU B 61 -8.45 -8.18 2.36
N ASN B 62 -9.14 -7.55 3.33
CA ASN B 62 -10.52 -7.14 3.07
C ASN B 62 -10.59 -6.10 1.97
N LEU B 63 -9.69 -5.11 2.00
CA LEU B 63 -9.66 -4.12 0.93
C LEU B 63 -9.41 -4.78 -0.42
N ALA B 64 -8.42 -5.68 -0.46
CA ALA B 64 -8.09 -6.35 -1.71
C ALA B 64 -9.24 -7.23 -2.20
N PHE B 65 -9.97 -7.87 -1.29
CA PHE B 65 -11.06 -8.75 -1.71
C PHE B 65 -12.13 -7.99 -2.49
N ARG B 66 -12.49 -6.78 -2.05
CA ARG B 66 -13.51 -6.00 -2.74
C ARG B 66 -12.99 -5.34 -4.01
N SER B 67 -11.68 -5.16 -4.11
CA SER B 67 -11.07 -4.44 -5.20
C SER B 67 -10.69 -5.35 -6.37
N ALA B 68 -10.35 -6.61 -6.10
CA ALA B 68 -9.66 -7.45 -7.05
C ALA B 68 -10.54 -8.62 -7.49
N ARG B 69 -10.30 -9.08 -8.71
CA ARG B 69 -11.02 -10.22 -9.26
C ARG B 69 -10.77 -11.50 -8.45
N SER B 70 -9.51 -11.71 -8.05
CA SER B 70 -9.12 -12.79 -7.16
C SER B 70 -8.06 -12.27 -6.22
N VAL B 71 -8.07 -12.74 -4.98
CA VAL B 71 -7.03 -12.48 -4.01
C VAL B 71 -6.45 -13.83 -3.61
N ILE B 72 -5.16 -14.00 -3.85
CA ILE B 72 -4.47 -15.28 -3.69
C ILE B 72 -3.55 -15.15 -2.48
N LEU B 73 -3.65 -16.11 -1.57
CA LEU B 73 -2.76 -16.25 -0.41
C LEU B 73 -1.79 -17.37 -0.71
N ILE B 74 -0.50 -17.07 -0.63
CA ILE B 74 0.55 -18.05 -0.88
C ILE B 74 1.23 -18.32 0.45
N PHE B 75 1.12 -19.55 0.94
CA PHE B 75 1.47 -19.89 2.32
C PHE B 75 2.90 -20.40 2.42
N SER B 76 3.60 -19.93 3.46
CA SER B 76 4.89 -20.49 3.83
C SER B 76 5.00 -20.53 5.35
N VAL B 77 5.29 -21.71 5.88
CA VAL B 77 5.52 -21.84 7.31
C VAL B 77 6.95 -21.41 7.63
N ARG B 78 7.10 -20.58 8.66
CA ARG B 78 8.41 -20.11 9.10
C ARG B 78 9.36 -21.27 9.30
N GLU B 79 10.59 -21.12 8.80
CA GLU B 79 11.70 -22.06 8.95
C GLU B 79 11.51 -23.36 8.19
N SER B 80 10.47 -23.47 7.36
CA SER B 80 10.25 -24.70 6.62
C SER B 80 11.05 -24.77 5.32
N GLY B 81 11.55 -23.65 4.82
CA GLY B 81 12.24 -23.64 3.54
C GLY B 81 11.35 -23.89 2.34
N LYS B 82 10.03 -23.80 2.50
CA LYS B 82 9.09 -24.17 1.45
C LYS B 82 7.85 -23.30 1.53
N PHE B 83 7.13 -23.25 0.40
CA PHE B 83 5.72 -22.86 0.39
C PHE B 83 4.89 -24.14 0.52
N GLN B 84 3.75 -24.04 1.22
CA GLN B 84 2.89 -25.20 1.47
C GLN B 84 1.66 -25.23 0.57
N GLY B 85 1.46 -24.22 -0.27
CA GLY B 85 0.32 -24.18 -1.17
C GLY B 85 -0.20 -22.78 -1.35
N PHE B 86 -1.30 -22.64 -2.09
CA PHE B 86 -1.91 -21.34 -2.25
C PHE B 86 -3.41 -21.50 -2.41
N ALA B 87 -4.12 -20.43 -2.11
CA ALA B 87 -5.57 -20.47 -2.00
C ALA B 87 -6.13 -19.13 -2.43
N ARG B 88 -7.42 -19.10 -2.78
CA ARG B 88 -8.10 -17.89 -3.18
C ARG B 88 -9.15 -17.52 -2.14
N LEU B 89 -9.16 -16.27 -1.69
CA LEU B 89 -10.23 -15.81 -0.80
C LEU B 89 -11.59 -15.97 -1.48
N SER B 90 -12.55 -16.53 -0.74
CA SER B 90 -13.94 -16.54 -1.21
C SER B 90 -14.83 -15.63 -0.39
N SER B 91 -14.28 -14.97 0.62
CA SER B 91 -15.04 -14.06 1.47
C SER B 91 -14.10 -13.04 2.09
N GLU B 92 -14.67 -11.91 2.49
CA GLU B 92 -14.03 -11.02 3.45
C GLU B 92 -14.00 -11.71 4.81
N SER B 93 -13.28 -11.12 5.74
CA SER B 93 -13.23 -11.70 7.08
C SER B 93 -14.58 -11.52 7.76
N HIS B 94 -14.91 -12.48 8.62
CA HIS B 94 -16.17 -12.42 9.35
C HIS B 94 -15.92 -12.86 10.79
N HIS B 95 -16.56 -12.15 11.71
CA HIS B 95 -16.45 -12.42 13.14
C HIS B 95 -17.74 -13.05 13.63
N GLY B 96 -17.64 -13.80 14.72
CA GLY B 96 -18.80 -14.32 15.41
C GLY B 96 -19.12 -15.79 15.19
N GLY B 97 -18.46 -16.45 14.23
CA GLY B 97 -18.71 -17.85 13.99
C GLY B 97 -18.18 -18.72 15.10
N SER B 98 -18.34 -20.03 14.92
CA SER B 98 -17.77 -20.98 15.86
C SER B 98 -16.25 -20.80 15.88
N PRO B 99 -15.64 -20.61 17.04
CA PRO B 99 -14.21 -20.29 17.07
C PRO B 99 -13.36 -21.40 16.46
N ILE B 100 -12.35 -20.99 15.69
CA ILE B 100 -11.41 -21.92 15.09
C ILE B 100 -10.37 -22.31 16.13
N HIS B 101 -10.03 -23.59 16.18
CA HIS B 101 -9.12 -24.08 17.20
C HIS B 101 -7.66 -23.85 16.84
N TRP B 102 -7.26 -22.61 16.51
CA TRP B 102 -5.89 -22.34 16.11
C TRP B 102 -4.93 -22.69 17.23
N VAL B 103 -3.75 -23.19 16.88
CA VAL B 103 -2.63 -23.22 17.82
C VAL B 103 -2.07 -21.79 17.85
N LEU B 104 -2.17 -21.13 19.00
CA LEU B 104 -1.89 -19.71 19.09
C LEU B 104 -0.40 -19.51 19.35
N PRO B 105 0.33 -18.81 18.48
CA PRO B 105 1.74 -18.53 18.76
C PRO B 105 1.88 -17.67 20.01
N ALA B 106 3.08 -17.71 20.58
CA ALA B 106 3.38 -16.89 21.76
C ALA B 106 3.20 -15.41 21.43
N GLY B 107 2.39 -14.74 22.24
CA GLY B 107 2.10 -13.33 22.05
C GLY B 107 0.89 -13.02 21.20
N MET B 108 0.16 -14.05 20.74
CA MET B 108 -0.99 -13.87 19.87
C MET B 108 -2.22 -14.46 20.53
N SER B 109 -3.27 -13.65 20.66
CA SER B 109 -4.51 -14.07 21.29
C SER B 109 -5.54 -14.45 20.23
N ALA B 110 -6.60 -15.13 20.68
CA ALA B 110 -7.69 -15.46 19.78
C ALA B 110 -8.35 -14.21 19.21
N LYS B 111 -8.52 -13.18 20.05
CA LYS B 111 -9.12 -11.94 19.58
C LYS B 111 -8.26 -11.30 18.49
N MET B 112 -6.95 -11.45 18.57
CA MET B 112 -6.07 -10.92 17.53
C MET B 112 -6.28 -11.64 16.20
N LEU B 113 -6.72 -12.90 16.25
CA LEU B 113 -7.00 -13.72 15.08
C LEU B 113 -8.50 -13.92 14.85
N GLY B 114 -9.31 -12.94 15.27
CA GLY B 114 -10.75 -13.17 15.33
C GLY B 114 -11.47 -13.19 14.00
N GLY B 115 -10.99 -12.44 13.00
CA GLY B 115 -11.65 -12.44 11.71
C GLY B 115 -11.32 -13.69 10.91
N VAL B 116 -12.34 -14.35 10.38
CA VAL B 116 -12.18 -15.60 9.63
C VAL B 116 -12.49 -15.36 8.16
N PHE B 117 -11.51 -15.59 7.30
CA PHE B 117 -11.72 -15.59 5.86
C PHE B 117 -12.02 -17.02 5.38
N LYS B 118 -13.00 -17.15 4.51
CA LYS B 118 -13.18 -18.40 3.79
CA LYS B 118 -13.18 -18.39 3.78
C LYS B 118 -12.23 -18.40 2.59
N ILE B 119 -11.58 -19.54 2.37
CA ILE B 119 -10.62 -19.68 1.28
C ILE B 119 -10.88 -20.98 0.53
N ASP B 120 -10.63 -20.96 -0.76
CA ASP B 120 -10.63 -22.16 -1.58
C ASP B 120 -9.21 -22.49 -2.00
N TRP B 121 -8.72 -23.63 -1.57
CA TRP B 121 -7.36 -24.00 -1.95
C TRP B 121 -7.27 -24.30 -3.44
N ILE B 122 -6.18 -23.86 -4.05
CA ILE B 122 -5.88 -24.14 -5.45
C ILE B 122 -4.78 -25.18 -5.53
N CYS B 123 -3.86 -25.16 -4.59
CA CYS B 123 -2.84 -26.18 -4.51
C CYS B 123 -2.47 -26.35 -3.05
N ARG B 124 -2.43 -27.59 -2.58
CA ARG B 124 -2.01 -27.89 -1.21
C ARG B 124 -0.70 -28.64 -1.17
N ARG B 125 0.02 -28.67 -2.30
CA ARG B 125 1.31 -29.32 -2.39
C ARG B 125 2.46 -28.33 -2.18
N GLU B 126 3.56 -28.85 -1.66
CA GLU B 126 4.71 -28.01 -1.35
C GLU B 126 5.48 -27.57 -2.58
N LEU B 127 6.09 -26.40 -2.48
CA LEU B 127 7.06 -25.92 -3.45
C LEU B 127 8.29 -25.46 -2.66
N PRO B 128 9.42 -26.17 -2.75
CA PRO B 128 10.62 -25.74 -2.03
C PRO B 128 11.11 -24.41 -2.58
N PHE B 129 11.70 -23.60 -1.69
CA PHE B 129 12.27 -22.32 -2.11
C PHE B 129 13.33 -22.51 -3.18
N THR B 130 13.99 -23.67 -3.20
CA THR B 130 14.97 -23.94 -4.25
C THR B 130 14.37 -23.80 -5.64
N LYS B 131 13.06 -24.05 -5.79
CA LYS B 131 12.42 -24.00 -7.10
C LYS B 131 11.89 -22.63 -7.47
N SER B 132 11.93 -21.66 -6.55
CA SER B 132 11.50 -20.29 -6.82
C SER B 132 12.65 -19.30 -6.77
N ALA B 133 13.89 -19.78 -6.76
CA ALA B 133 15.06 -18.91 -6.56
C ALA B 133 15.25 -17.90 -7.68
N HIS B 134 14.72 -18.16 -8.87
CA HIS B 134 14.85 -17.24 -9.99
C HIS B 134 13.82 -16.12 -9.98
N LEU B 135 12.85 -16.14 -9.07
CA LEU B 135 11.77 -15.16 -9.07
C LEU B 135 11.98 -14.12 -7.98
N THR B 136 11.86 -12.85 -8.37
CA THR B 136 12.02 -11.74 -7.45
C THR B 136 10.79 -10.85 -7.49
N ASN B 137 10.50 -10.21 -6.35
CA ASN B 137 9.28 -9.42 -6.21
C ASN B 137 9.62 -7.94 -6.32
N PRO B 138 9.19 -7.26 -7.39
CA PRO B 138 9.48 -5.82 -7.50
C PRO B 138 8.90 -4.98 -6.39
N TRP B 139 7.83 -5.44 -5.72
CA TRP B 139 7.23 -4.69 -4.63
C TRP B 139 7.87 -5.02 -3.28
N ASN B 140 8.96 -5.79 -3.29
CA ASN B 140 9.80 -5.98 -2.12
C ASN B 140 11.27 -5.83 -2.51
N GLU B 141 11.58 -4.70 -3.17
CA GLU B 141 12.96 -4.32 -3.50
C GLU B 141 13.65 -5.34 -4.41
N HIS B 142 12.88 -6.04 -5.24
CA HIS B 142 13.41 -7.03 -6.17
C HIS B 142 14.19 -8.13 -5.45
N LYS B 143 13.79 -8.45 -4.22
CA LYS B 143 14.34 -9.58 -3.48
C LYS B 143 13.65 -10.88 -3.91
N PRO B 144 14.34 -12.02 -3.79
CA PRO B 144 13.68 -13.31 -4.05
C PRO B 144 12.33 -13.43 -3.33
N VAL B 145 11.37 -14.02 -4.03
CA VAL B 145 9.98 -14.02 -3.57
C VAL B 145 9.81 -14.81 -2.28
N LYS B 146 10.72 -15.73 -1.96
CA LYS B 146 10.69 -16.40 -0.66
C LYS B 146 10.85 -15.42 0.50
N ILE B 147 11.45 -14.26 0.27
CA ILE B 147 11.73 -13.30 1.33
C ILE B 147 10.52 -12.40 1.50
N GLY B 148 9.98 -12.34 2.71
CA GLY B 148 8.92 -11.41 3.00
C GLY B 148 8.25 -11.72 4.32
N ARG B 149 7.64 -10.71 4.91
CA ARG B 149 6.89 -10.88 6.13
C ARG B 149 5.46 -11.30 5.83
N ASP B 150 4.78 -11.78 6.86
CA ASP B 150 3.37 -12.12 6.76
C ASP B 150 2.60 -10.94 6.16
N GLY B 151 1.85 -11.22 5.10
CA GLY B 151 1.09 -10.18 4.43
C GLY B 151 1.78 -9.45 3.31
N GLN B 152 3.05 -9.73 3.04
CA GLN B 152 3.77 -9.02 1.98
C GLN B 152 3.06 -9.19 0.64
N GLU B 153 2.74 -8.08 -0.02
CA GLU B 153 2.06 -8.20 -1.30
C GLU B 153 3.06 -8.50 -2.41
N ILE B 154 2.68 -9.37 -3.33
CA ILE B 154 3.55 -9.80 -4.42
C ILE B 154 2.97 -9.23 -5.71
N GLU B 155 3.83 -8.58 -6.50
CA GLU B 155 3.43 -8.02 -7.78
C GLU B 155 2.88 -9.09 -8.71
N LEU B 156 1.95 -8.67 -9.59
CA LEU B 156 1.13 -9.57 -10.42
C LEU B 156 1.95 -10.63 -11.14
N GLU B 157 2.96 -10.22 -11.93
CA GLU B 157 3.66 -11.21 -12.75
C GLU B 157 4.48 -12.16 -11.89
N CYS B 158 5.17 -11.64 -10.89
CA CYS B 158 5.91 -12.52 -9.99
C CYS B 158 4.98 -13.52 -9.32
N GLY B 159 3.81 -13.05 -8.85
CA GLY B 159 2.90 -13.93 -8.14
C GLY B 159 2.30 -14.98 -9.05
N THR B 160 2.00 -14.57 -10.29
CA THR B 160 1.49 -15.52 -11.29
C THR B 160 2.51 -16.59 -11.57
N GLN B 161 3.76 -16.20 -11.83
CA GLN B 161 4.78 -17.19 -12.13
C GLN B 161 5.03 -18.10 -10.94
N LEU B 162 5.01 -17.55 -9.72
CA LEU B 162 5.19 -18.38 -8.54
C LEU B 162 4.10 -19.43 -8.43
N CYS B 163 2.85 -19.01 -8.61
CA CYS B 163 1.74 -19.97 -8.55
C CYS B 163 1.88 -21.04 -9.62
N LEU B 164 2.37 -20.67 -10.81
CA LEU B 164 2.51 -21.64 -11.90
C LEU B 164 3.61 -22.65 -11.63
N LEU B 165 4.54 -22.36 -10.71
CA LEU B 165 5.58 -23.33 -10.37
C LEU B 165 5.06 -24.51 -9.56
N PHE B 166 3.95 -24.36 -8.84
CA PHE B 166 3.47 -25.42 -7.99
C PHE B 166 3.06 -26.64 -8.83
N PRO B 167 3.24 -27.84 -8.32
CA PRO B 167 2.82 -29.04 -9.06
C PRO B 167 1.30 -29.18 -9.05
N PRO B 168 0.73 -29.90 -10.02
CA PRO B 168 -0.73 -30.08 -10.02
C PRO B 168 -1.17 -30.87 -8.81
N ASP B 169 -2.34 -30.52 -8.29
CA ASP B 169 -2.87 -31.12 -7.07
C ASP B 169 -4.13 -31.91 -7.46
N GLU B 170 -4.04 -33.23 -7.37
CA GLU B 170 -5.13 -34.11 -7.78
C GLU B 170 -6.30 -34.09 -6.79
N SER B 171 -6.13 -33.50 -5.62
CA SER B 171 -7.23 -33.40 -4.68
C SER B 171 -8.10 -32.20 -4.94
N ILE B 172 -7.69 -31.30 -5.83
CA ILE B 172 -8.35 -30.02 -6.05
C ILE B 172 -9.10 -30.05 -7.38
N ASP B 173 -10.30 -29.50 -7.38
CA ASP B 173 -11.08 -29.27 -8.59
C ASP B 173 -11.30 -27.76 -8.68
N LEU B 174 -10.77 -27.14 -9.73
CA LEU B 174 -10.91 -25.69 -9.88
C LEU B 174 -12.34 -25.25 -10.23
N TYR B 175 -13.23 -26.19 -10.48
CA TYR B 175 -14.55 -25.84 -11.02
C TYR B 175 -15.31 -24.90 -10.09
N GLN B 176 -15.28 -25.17 -8.78
CA GLN B 176 -16.03 -24.33 -7.85
C GLN B 176 -15.49 -22.90 -7.80
N VAL B 177 -14.17 -22.75 -7.85
CA VAL B 177 -13.58 -21.42 -7.90
C VAL B 177 -14.02 -20.70 -9.16
N ILE B 178 -13.89 -21.36 -10.30
CA ILE B 178 -14.27 -20.73 -11.56
C ILE B 178 -15.74 -20.31 -11.53
N HIS B 179 -16.58 -21.05 -10.80
CA HIS B 179 -17.98 -20.69 -10.68
C HIS B 179 -18.20 -19.47 -9.78
N LYS B 180 -17.40 -19.33 -8.73
CA LYS B 180 -17.51 -18.14 -7.88
C LYS B 180 -17.11 -16.88 -8.62
N MET B 181 -16.26 -17.01 -9.63
CA MET B 181 -15.80 -15.87 -10.40
C MET B 181 -16.79 -15.56 -11.51
C10 OYT C . 0.26 28.39 -0.87
N12 OYT C . -2.33 28.83 1.51
C13 OYT C . -3.57 28.35 1.45
C01 OYT C . -4.98 26.14 -1.88
C03 OYT C . -3.18 27.35 -0.58
C04 OYT C . -1.84 27.83 -0.56
C05 OYT C . -1.44 28.58 0.51
C07 OYT C . 0.68 29.72 1.18
C08 OYT C . 1.86 30.64 0.86
C09 OYT C . 0.56 31.23 1.39
N02 OYT C . -3.59 26.57 -1.73
N06 OYT C . -0.14 28.91 0.30
N11 OYT C . -0.77 27.74 -1.42
N14 OYT C . -4.01 27.62 0.42
S SO4 D . 2.82 -4.29 1.97
S SO4 D . 1.95 -3.20 2.50
O1 SO4 D . 2.60 -5.45 1.12
O1 SO4 D . 1.44 -4.08 1.46
O2 SO4 D . 2.72 -3.10 1.13
O2 SO4 D . 3.27 -2.69 2.11
O3 SO4 D . 1.83 -4.18 3.04
O3 SO4 D . 1.01 -2.10 2.69
O4 SO4 D . 4.15 -4.37 2.58
O4 SO4 D . 2.05 -3.98 3.72
S SO4 E . -3.66 34.87 5.80
O1 SO4 E . -4.85 35.08 5.00
O2 SO4 E . -2.50 35.52 5.18
O3 SO4 E . -3.41 33.43 5.90
O4 SO4 E . -3.88 35.42 7.13
S SO4 F . -5.31 23.34 -19.03
O1 SO4 F . -5.64 23.57 -20.43
O2 SO4 F . -5.86 24.40 -18.20
O3 SO4 F . -5.94 22.08 -18.64
O4 SO4 F . -3.86 23.30 -18.84
C10 OYT G . 0.04 -14.63 11.09
N12 OYT G . 0.90 -17.67 12.66
C13 OYT G . 0.07 -18.70 12.91
C01 OYT G . -3.99 -18.67 11.86
C03 OYT G . -1.73 -17.60 11.96
C04 OYT G . -0.92 -16.48 11.68
C05 OYT G . 0.39 -16.58 12.05
C07 OYT G . 2.34 -15.02 11.86
C08 OYT G . 3.09 -14.73 13.17
C09 OYT G . 2.84 -13.60 12.18
N02 OYT G . -3.12 -17.53 11.59
N06 OYT G . 0.96 -15.41 11.67
N11 OYT G . -1.14 -15.28 11.05
N14 OYT G . -1.21 -18.66 12.59
C10 OYT H . -8.39 -25.37 20.92
N12 OYT H . -11.65 -25.21 22.32
C13 OYT H . -12.44 -24.15 22.44
C01 OYT H . -11.28 -20.27 21.31
C03 OYT H . -10.86 -22.77 21.44
C04 OYT H . -9.97 -23.88 21.29
C05 OYT H . -10.40 -25.10 21.75
C07 OYT H . -9.49 -27.41 21.84
C08 OYT H . -10.61 -28.45 21.64
C09 OYT H . -9.29 -28.59 20.88
N02 OYT H . -10.46 -21.44 20.97
N06 OYT H . -9.42 -25.99 21.51
N11 OYT H . -8.73 -24.08 20.78
N14 OYT H . -12.06 -22.95 22.01
S SO4 I . 3.21 -32.80 -1.43
O1 SO4 I . 3.49 -32.61 -2.85
O2 SO4 I . 1.79 -33.16 -1.26
O3 SO4 I . 3.51 -31.54 -0.73
O4 SO4 I . 4.04 -33.87 -0.92
S SO4 J . -7.89 -29.38 -17.73
O1 SO4 J . -8.79 -30.38 -18.29
O2 SO4 J . -8.00 -28.11 -18.46
O3 SO4 J . -6.52 -29.87 -17.89
O4 SO4 J . -8.15 -29.18 -16.29
S SO4 K . 6.09 -11.41 10.59
O1 SO4 K . 6.06 -12.27 9.41
O2 SO4 K . 5.00 -10.43 10.57
O3 SO4 K . 5.92 -12.25 11.78
O4 SO4 K . 7.37 -10.71 10.66
S SO4 L . -18.79 -8.90 9.68
O1 SO4 L . -19.43 -9.65 8.60
O2 SO4 L . -19.45 -7.60 9.80
O3 SO4 L . -17.38 -8.68 9.37
O4 SO4 L . -18.94 -9.65 10.93
S SO4 M . -12.34 -3.64 6.77
O1 SO4 M . -12.01 -3.26 5.40
O2 SO4 M . -13.68 -4.23 6.82
O3 SO4 M . -12.33 -2.45 7.62
O4 SO4 M . -11.38 -4.63 7.29
#